data_6H5A
#
_entry.id   6H5A
#
_cell.length_a   68.067
_cell.length_b   77.941
_cell.length_c   100.823
_cell.angle_alpha   90.000
_cell.angle_beta   90.000
_cell.angle_gamma   90.000
#
_symmetry.space_group_name_H-M   'P 21 21 21'
#
loop_
_entity.id
_entity.type
_entity.pdbx_description
1 polymer 'CDP-diacylglycerol--inositol 3-phosphatidyltransferase'
2 non-polymer 'MANGANESE (II) ION'
3 non-polymer 'CITRATE ANION'
4 non-polymer '(2R)-2,3-dihydroxypropyl (9Z)-octadec-9-enoate'
5 non-polymer EICOSANE
6 non-polymer 'SULFATE ION'
7 non-polymer 'PENTAETHYLENE GLYCOL'
8 water water
#
_entity_poly.entity_id   1
_entity_poly.type   'polypeptide(L)'
_entity_poly.pdbx_seq_one_letter_code
;MSKLPFLSRAAFARITTPIARGLLRVGLTPDVVTILGTTASVAGALTLFPMGKLFAGACVVWFFVLFDMLDGAMARERGG
GTRFGAVLDATCDRISDGAVFCGLLWWIAFHMRDRPLVIATLICLVTSQVISYIKARAEASGLRGDGGFIERPERLIIVL
TGAGVSDFPFVPWPPALSVGMWLLAVASVITCVQRLHTVWTSPGAIDRMAIPGKGDRENLYFQ
;
_entity_poly.pdbx_strand_id   A,B
#
loop_
_chem_comp.id
_chem_comp.type
_chem_comp.name
_chem_comp.formula
1PE non-polymer 'PENTAETHYLENE GLYCOL' 'C10 H22 O6'
FLC non-polymer 'CITRATE ANION' 'C6 H5 O7 -3'
LFA non-polymer EICOSANE 'C20 H42'
MN non-polymer 'MANGANESE (II) ION' 'Mn 2'
OLC non-polymer '(2R)-2,3-dihydroxypropyl (9Z)-octadec-9-enoate' 'C21 H40 O4'
SO4 non-polymer 'SULFATE ION' 'O4 S -2'
#
# COMPACT_ATOMS: atom_id res chain seq x y z
N LEU A 4 12.03 -25.27 14.80
CA LEU A 4 11.29 -24.34 13.94
C LEU A 4 10.27 -25.04 13.04
N PRO A 5 9.18 -24.35 12.67
CA PRO A 5 8.26 -24.91 11.68
C PRO A 5 8.96 -25.12 10.35
N PHE A 6 8.59 -26.19 9.64
CA PHE A 6 9.38 -26.62 8.47
C PHE A 6 9.28 -25.64 7.30
N LEU A 7 8.19 -24.88 7.22
CA LEU A 7 7.99 -23.94 6.14
C LEU A 7 8.22 -22.50 6.59
N SER A 8 8.82 -22.32 7.76
CA SER A 8 9.01 -21.00 8.33
C SER A 8 10.22 -20.30 7.71
N ARG A 9 10.21 -18.98 7.80
N ARG A 9 10.20 -18.97 7.79
CA ARG A 9 11.38 -18.19 7.43
CA ARG A 9 11.38 -18.20 7.44
C ARG A 9 12.59 -18.54 8.30
C ARG A 9 12.58 -18.60 8.28
N ALA A 10 12.35 -18.82 9.58
CA ALA A 10 13.45 -19.26 10.46
C ALA A 10 14.05 -20.56 9.97
N ALA A 11 13.23 -21.51 9.54
CA ALA A 11 13.78 -22.73 8.93
C ALA A 11 14.54 -22.39 7.65
N PHE A 12 13.92 -21.58 6.77
CA PHE A 12 14.54 -21.27 5.49
C PHE A 12 15.90 -20.59 5.67
N ALA A 13 16.06 -19.83 6.77
CA ALA A 13 17.35 -19.16 7.01
C ALA A 13 18.49 -20.15 7.14
N ARG A 14 18.21 -21.43 7.37
CA ARG A 14 19.23 -22.46 7.46
C ARG A 14 19.81 -22.84 6.10
N ILE A 15 19.18 -22.46 4.99
CA ILE A 15 19.73 -22.81 3.69
C ILE A 15 19.87 -21.61 2.77
N THR A 16 19.65 -20.39 3.28
CA THR A 16 19.78 -19.23 2.41
C THR A 16 21.23 -18.98 2.00
N THR A 17 22.19 -19.35 2.85
CA THR A 17 23.60 -19.13 2.51
C THR A 17 24.02 -19.93 1.29
N PRO A 18 23.81 -21.24 1.21
CA PRO A 18 24.20 -21.92 -0.02
C PRO A 18 23.41 -21.46 -1.22
N ILE A 19 22.12 -21.22 -1.05
CA ILE A 19 21.35 -20.69 -2.17
C ILE A 19 21.95 -19.37 -2.61
N ALA A 20 22.20 -18.47 -1.66
CA ALA A 20 22.74 -17.16 -2.02
C ALA A 20 24.10 -17.28 -2.71
N ARG A 21 24.96 -18.16 -2.21
CA ARG A 21 26.26 -18.36 -2.86
C ARG A 21 26.08 -18.86 -4.28
N GLY A 22 25.18 -19.82 -4.48
CA GLY A 22 24.89 -20.30 -5.83
C GLY A 22 24.47 -19.17 -6.76
N LEU A 23 23.55 -18.32 -6.29
CA LEU A 23 23.05 -17.25 -7.14
C LEU A 23 24.13 -16.21 -7.45
N LEU A 24 24.96 -15.87 -6.45
CA LEU A 24 26.08 -14.99 -6.72
C LEU A 24 27.01 -15.60 -7.76
N ARG A 25 27.42 -16.85 -7.54
CA ARG A 25 28.30 -17.56 -8.47
C ARG A 25 27.84 -17.41 -9.91
N VAL A 26 26.53 -17.58 -10.14
CA VAL A 26 25.96 -17.48 -11.48
C VAL A 26 25.92 -16.05 -12.02
N GLY A 27 26.24 -15.05 -11.22
CA GLY A 27 26.24 -13.67 -11.68
C GLY A 27 24.99 -12.87 -11.36
N LEU A 28 24.05 -13.43 -10.60
CA LEU A 28 22.92 -12.64 -10.15
C LEU A 28 23.34 -11.71 -9.01
N THR A 29 22.68 -10.56 -8.91
CA THR A 29 22.87 -9.65 -7.79
C THR A 29 21.69 -9.72 -6.82
N PRO A 30 21.86 -9.22 -5.59
CA PRO A 30 20.71 -9.16 -4.65
C PRO A 30 19.49 -8.45 -5.23
N ASP A 31 19.69 -7.29 -5.84
CA ASP A 31 18.57 -6.50 -6.34
C ASP A 31 17.91 -7.16 -7.54
N VAL A 32 18.68 -7.80 -8.41
CA VAL A 32 18.06 -8.53 -9.52
C VAL A 32 17.21 -9.67 -8.98
N VAL A 33 17.67 -10.30 -7.90
CA VAL A 33 16.92 -11.41 -7.32
C VAL A 33 15.63 -10.91 -6.67
N THR A 34 15.70 -9.78 -5.95
CA THR A 34 14.48 -9.15 -5.42
C THR A 34 13.45 -8.94 -6.53
N ILE A 35 13.87 -8.40 -7.66
CA ILE A 35 12.94 -8.12 -8.76
C ILE A 35 12.39 -9.41 -9.36
N LEU A 36 13.26 -10.40 -9.60
CA LEU A 36 12.79 -11.65 -10.18
C LEU A 36 11.77 -12.33 -9.27
N GLY A 37 12.08 -12.41 -7.97
CA GLY A 37 11.18 -13.06 -7.04
C GLY A 37 9.84 -12.35 -6.97
N THR A 38 9.88 -11.02 -6.93
CA THR A 38 8.67 -10.22 -6.92
C THR A 38 7.86 -10.46 -8.19
N THR A 39 8.51 -10.45 -9.36
CA THR A 39 7.80 -10.68 -10.62
C THR A 39 7.16 -12.06 -10.63
N ALA A 40 7.88 -13.08 -10.14
CA ALA A 40 7.33 -14.42 -10.11
C ALA A 40 6.15 -14.49 -9.17
N SER A 41 6.25 -13.82 -8.01
CA SER A 41 5.18 -13.80 -7.03
C SER A 41 3.92 -13.13 -7.59
N VAL A 42 4.09 -11.97 -8.23
CA VAL A 42 2.96 -11.28 -8.86
C VAL A 42 2.35 -12.15 -9.96
N ALA A 43 3.19 -12.74 -10.81
CA ALA A 43 2.68 -13.62 -11.84
C ALA A 43 1.86 -14.76 -11.25
N GLY A 44 2.32 -15.33 -10.12
CA GLY A 44 1.61 -16.45 -9.54
C GLY A 44 0.26 -16.01 -8.98
N ALA A 45 0.25 -14.91 -8.25
CA ALA A 45 -0.97 -14.43 -7.65
C ALA A 45 -1.99 -14.04 -8.72
N LEU A 46 -1.56 -13.32 -9.77
CA LEU A 46 -2.51 -12.84 -10.76
C LEU A 46 -2.91 -13.90 -11.78
N THR A 47 -2.21 -15.02 -11.82
CA THR A 47 -2.59 -16.11 -12.71
C THR A 47 -3.45 -17.13 -11.98
N LEU A 48 -3.01 -17.55 -10.81
CA LEU A 48 -3.67 -18.66 -10.12
C LEU A 48 -4.88 -18.22 -9.33
N PHE A 49 -4.80 -17.11 -8.60
CA PHE A 49 -5.93 -16.71 -7.78
C PHE A 49 -7.15 -16.40 -8.64
N PRO A 50 -7.06 -15.59 -9.70
CA PRO A 50 -8.28 -15.30 -10.48
C PRO A 50 -8.91 -16.54 -11.09
N MET A 51 -8.16 -17.63 -11.22
CA MET A 51 -8.67 -18.92 -11.72
C MET A 51 -9.27 -19.81 -10.62
N GLY A 52 -9.15 -19.41 -9.36
CA GLY A 52 -9.66 -20.23 -8.29
C GLY A 52 -8.68 -21.24 -7.77
N LYS A 53 -7.45 -21.25 -8.29
CA LYS A 53 -6.45 -22.20 -7.82
C LYS A 53 -5.76 -21.60 -6.60
N LEU A 54 -6.56 -21.48 -5.53
CA LEU A 54 -6.15 -20.75 -4.34
C LEU A 54 -5.10 -21.51 -3.55
N PHE A 55 -5.13 -22.85 -3.56
CA PHE A 55 -4.10 -23.58 -2.84
C PHE A 55 -2.76 -23.46 -3.55
N ALA A 56 -2.76 -23.58 -4.86
CA ALA A 56 -1.54 -23.46 -5.64
C ALA A 56 -1.00 -22.04 -5.60
N GLY A 57 -1.88 -21.04 -5.71
CA GLY A 57 -1.45 -19.67 -5.55
C GLY A 57 -0.87 -19.39 -4.18
N ALA A 58 -1.51 -19.87 -3.13
CA ALA A 58 -0.99 -19.63 -1.79
C ALA A 58 0.39 -20.25 -1.63
N CYS A 59 0.58 -21.47 -2.13
CA CYS A 59 1.89 -22.10 -2.08
C CYS A 59 2.92 -21.26 -2.82
N VAL A 60 2.59 -20.80 -4.03
CA VAL A 60 3.52 -20.02 -4.83
C VAL A 60 3.88 -18.73 -4.10
N VAL A 61 2.88 -18.02 -3.57
CA VAL A 61 3.16 -16.77 -2.88
C VAL A 61 4.02 -17.03 -1.64
N TRP A 62 3.71 -18.09 -0.88
CA TRP A 62 4.49 -18.36 0.33
C TRP A 62 5.93 -18.69 -0.02
N PHE A 63 6.14 -19.43 -1.10
CA PHE A 63 7.50 -19.69 -1.51
C PHE A 63 8.27 -18.39 -1.70
N PHE A 64 7.66 -17.42 -2.41
CA PHE A 64 8.41 -16.20 -2.66
C PHE A 64 8.46 -15.26 -1.45
N VAL A 65 7.63 -15.51 -0.42
CA VAL A 65 7.90 -14.92 0.89
C VAL A 65 9.21 -15.46 1.45
N LEU A 66 9.42 -16.77 1.31
CA LEU A 66 10.71 -17.33 1.73
C LEU A 66 11.83 -16.79 0.84
N PHE A 67 11.57 -16.74 -0.47
CA PHE A 67 12.55 -16.30 -1.45
C PHE A 67 13.00 -14.86 -1.19
N ASP A 68 12.09 -14.03 -0.69
CA ASP A 68 12.37 -12.67 -0.24
C ASP A 68 13.65 -12.61 0.59
N MET A 69 13.96 -13.65 1.35
CA MET A 69 15.11 -13.57 2.26
C MET A 69 16.45 -13.66 1.53
N LEU A 70 16.47 -13.97 0.25
CA LEU A 70 17.74 -14.21 -0.42
C LEU A 70 18.53 -12.93 -0.68
N ASP A 71 17.89 -11.78 -0.93
CA ASP A 71 18.69 -10.61 -1.30
C ASP A 71 19.63 -10.21 -0.15
N GLY A 72 19.14 -10.24 1.09
CA GLY A 72 20.00 -9.92 2.22
C GLY A 72 21.13 -10.93 2.43
N ALA A 73 20.81 -12.22 2.35
CA ALA A 73 21.84 -13.25 2.43
C ALA A 73 22.89 -13.04 1.36
N MET A 74 22.47 -12.73 0.12
CA MET A 74 23.42 -12.46 -0.96
C MET A 74 24.27 -11.23 -0.64
N ALA A 75 23.64 -10.13 -0.22
CA ALA A 75 24.36 -8.91 0.10
C ALA A 75 25.36 -9.15 1.23
N ARG A 76 24.98 -9.98 2.20
CA ARG A 76 25.90 -10.31 3.28
C ARG A 76 27.13 -11.03 2.75
N GLU A 77 26.94 -11.97 1.81
CA GLU A 77 28.08 -12.65 1.21
C GLU A 77 28.95 -11.71 0.39
N ARG A 78 28.36 -10.65 -0.17
CA ARG A 78 29.06 -9.68 -1.02
C ARG A 78 29.72 -8.56 -0.24
N GLY A 79 29.60 -8.55 1.09
CA GLY A 79 30.21 -7.52 1.90
C GLY A 79 29.27 -6.44 2.39
N GLY A 80 28.04 -6.40 1.92
CA GLY A 80 27.09 -5.43 2.42
C GLY A 80 25.89 -5.26 1.50
N GLY A 81 24.85 -4.67 2.06
CA GLY A 81 23.71 -4.21 1.29
C GLY A 81 23.81 -2.72 0.96
N THR A 82 22.74 -2.21 0.36
CA THR A 82 22.66 -0.78 0.06
C THR A 82 21.30 -0.24 0.46
N ARG A 83 21.26 1.08 0.66
CA ARG A 83 20.00 1.75 0.95
C ARG A 83 19.04 1.58 -0.23
N PHE A 84 19.55 1.63 -1.45
CA PHE A 84 18.67 1.42 -2.60
C PHE A 84 18.07 0.02 -2.55
N GLY A 85 18.90 -0.97 -2.22
CA GLY A 85 18.40 -2.33 -2.12
C GLY A 85 17.30 -2.46 -1.10
N ALA A 86 17.43 -1.77 0.04
CA ALA A 86 16.40 -1.74 1.06
C ALA A 86 15.10 -1.09 0.55
N VAL A 87 15.23 0.04 -0.14
CA VAL A 87 14.03 0.70 -0.66
C VAL A 87 13.38 -0.18 -1.71
N LEU A 88 14.20 -0.80 -2.56
CA LEU A 88 13.67 -1.67 -3.61
C LEU A 88 12.95 -2.87 -3.01
N ASP A 89 13.54 -3.50 -2.00
CA ASP A 89 12.92 -4.64 -1.35
C ASP A 89 11.54 -4.27 -0.80
N ALA A 90 11.50 -3.20 -0.01
CA ALA A 90 10.24 -2.69 0.55
C ALA A 90 9.23 -2.36 -0.54
N THR A 91 9.64 -1.60 -1.56
CA THR A 91 8.71 -1.27 -2.63
C THR A 91 8.19 -2.53 -3.31
N CYS A 92 9.08 -3.48 -3.59
CA CYS A 92 8.65 -4.69 -4.27
C CYS A 92 7.67 -5.49 -3.42
N ASP A 93 7.87 -5.45 -2.10
CA ASP A 93 6.96 -6.13 -1.17
C ASP A 93 5.55 -5.50 -1.24
N ARG A 94 5.50 -4.17 -1.38
CA ARG A 94 4.19 -3.52 -1.53
C ARG A 94 3.47 -4.03 -2.77
N ILE A 95 4.22 -4.16 -3.87
CA ILE A 95 3.63 -4.57 -5.13
C ILE A 95 3.14 -6.01 -5.04
N SER A 96 4.00 -6.88 -4.48
CA SER A 96 3.65 -8.28 -4.27
C SER A 96 2.38 -8.41 -3.43
N ASP A 97 2.33 -7.73 -2.29
CA ASP A 97 1.14 -7.77 -1.45
C ASP A 97 -0.09 -7.29 -2.24
N GLY A 98 0.07 -6.19 -2.98
CA GLY A 98 -1.06 -5.68 -3.76
C GLY A 98 -1.58 -6.72 -4.73
N ALA A 99 -0.68 -7.50 -5.33
CA ALA A 99 -1.10 -8.50 -6.31
C ALA A 99 -1.82 -9.66 -5.62
N VAL A 100 -1.37 -10.04 -4.41
CA VAL A 100 -2.03 -11.09 -3.66
C VAL A 100 -3.48 -10.75 -3.44
N PHE A 101 -3.75 -9.54 -2.95
CA PHE A 101 -5.12 -9.18 -2.66
C PHE A 101 -5.93 -8.92 -3.94
N CYS A 102 -5.30 -8.36 -4.99
CA CYS A 102 -5.99 -8.16 -6.26
C CYS A 102 -6.37 -9.50 -6.90
N GLY A 103 -5.48 -10.50 -6.84
CA GLY A 103 -5.81 -11.80 -7.39
C GLY A 103 -6.99 -12.44 -6.68
N LEU A 104 -6.90 -12.48 -5.35
CA LEU A 104 -7.99 -13.03 -4.55
C LEU A 104 -9.27 -12.22 -4.75
N LEU A 105 -9.13 -10.89 -4.84
CA LEU A 105 -10.29 -10.04 -5.10
C LEU A 105 -10.99 -10.45 -6.38
N TRP A 106 -10.22 -10.70 -7.44
CA TRP A 106 -10.84 -11.08 -8.70
C TRP A 106 -11.69 -12.36 -8.54
N TRP A 107 -11.14 -13.36 -7.85
CA TRP A 107 -11.87 -14.60 -7.63
C TRP A 107 -13.13 -14.34 -6.82
N ILE A 108 -13.00 -13.61 -5.70
CA ILE A 108 -14.12 -13.40 -4.79
C ILE A 108 -15.21 -12.56 -5.47
N ALA A 109 -14.78 -11.52 -6.23
CA ALA A 109 -15.75 -10.58 -6.79
C ALA A 109 -16.56 -11.22 -7.91
N PHE A 110 -15.91 -12.02 -8.76
CA PHE A 110 -16.55 -12.50 -9.96
C PHE A 110 -16.90 -13.98 -9.94
N HIS A 111 -16.44 -14.78 -8.96
CA HIS A 111 -16.75 -16.20 -8.96
C HIS A 111 -17.30 -16.69 -7.64
N MET A 112 -17.61 -15.79 -6.72
CA MET A 112 -18.27 -16.15 -5.48
C MET A 112 -19.45 -15.22 -5.28
N ARG A 113 -20.31 -15.58 -4.34
CA ARG A 113 -21.49 -14.77 -4.04
C ARG A 113 -21.38 -14.22 -2.63
N ASP A 114 -20.34 -13.45 -2.35
CA ASP A 114 -20.08 -13.02 -0.98
C ASP A 114 -19.59 -11.57 -1.08
N ARG A 115 -20.54 -10.64 -1.22
CA ARG A 115 -20.19 -9.22 -1.40
C ARG A 115 -19.54 -8.66 -0.13
N PRO A 116 -20.02 -9.01 1.07
CA PRO A 116 -19.29 -8.59 2.25
C PRO A 116 -17.82 -9.01 2.20
N LEU A 117 -17.51 -10.16 1.59
CA LEU A 117 -16.12 -10.61 1.57
C LEU A 117 -15.29 -9.74 0.61
N VAL A 118 -15.92 -9.21 -0.44
CA VAL A 118 -15.23 -8.25 -1.27
C VAL A 118 -14.80 -7.05 -0.43
N ILE A 119 -15.72 -6.54 0.38
CA ILE A 119 -15.37 -5.43 1.27
C ILE A 119 -14.18 -5.78 2.13
N ALA A 120 -14.21 -6.96 2.75
CA ALA A 120 -13.11 -7.38 3.62
C ALA A 120 -11.79 -7.41 2.84
N THR A 121 -11.84 -7.91 1.60
CA THR A 121 -10.63 -8.04 0.81
C THR A 121 -10.06 -6.67 0.48
N LEU A 122 -10.94 -5.70 0.18
CA LEU A 122 -10.51 -4.33 -0.10
C LEU A 122 -9.92 -3.66 1.15
N ILE A 123 -10.49 -3.92 2.33
CA ILE A 123 -9.90 -3.41 3.56
C ILE A 123 -8.48 -3.99 3.73
N CYS A 124 -8.34 -5.30 3.52
CA CYS A 124 -7.01 -5.91 3.64
C CYS A 124 -6.04 -5.31 2.65
N LEU A 125 -6.50 -5.10 1.41
CA LEU A 125 -5.64 -4.54 0.36
C LEU A 125 -5.12 -3.15 0.76
N VAL A 126 -6.02 -2.26 1.16
CA VAL A 126 -5.65 -0.89 1.46
C VAL A 126 -4.85 -0.83 2.77
N THR A 127 -5.33 -1.51 3.83
CA THR A 127 -4.58 -1.49 5.09
C THR A 127 -3.21 -2.14 4.94
N SER A 128 -3.08 -3.13 4.06
CA SER A 128 -1.77 -3.73 3.83
C SER A 128 -0.77 -2.67 3.37
N GLN A 129 -1.20 -1.74 2.49
CA GLN A 129 -0.31 -0.68 2.04
C GLN A 129 -0.09 0.36 3.13
N VAL A 130 -1.17 0.72 3.83
CA VAL A 130 -1.11 1.82 4.78
C VAL A 130 -0.26 1.44 5.97
N ILE A 131 -0.38 0.19 6.42
CA ILE A 131 0.41 -0.27 7.56
C ILE A 131 1.88 0.00 7.31
N SER A 132 2.36 -0.38 6.13
CA SER A 132 3.76 -0.17 5.80
C SER A 132 4.04 1.31 5.53
N TYR A 133 3.05 2.04 5.00
CA TYR A 133 3.30 3.44 4.69
C TYR A 133 3.52 4.25 5.95
N ILE A 134 2.72 3.99 6.99
CA ILE A 134 2.87 4.71 8.26
C ILE A 134 4.32 4.63 8.74
N LYS A 135 4.89 3.43 8.70
CA LYS A 135 6.23 3.24 9.25
C LYS A 135 7.27 3.97 8.41
N ALA A 136 7.20 3.82 7.09
CA ALA A 136 8.09 4.54 6.19
C ALA A 136 7.93 6.06 6.34
N ARG A 137 6.70 6.55 6.32
CA ARG A 137 6.49 7.99 6.39
C ARG A 137 6.90 8.54 7.76
N ALA A 138 6.70 7.77 8.82
CA ALA A 138 7.15 8.22 10.12
C ALA A 138 8.66 8.37 10.14
N GLU A 139 9.37 7.36 9.63
CA GLU A 139 10.83 7.39 9.62
C GLU A 139 11.37 8.49 8.71
N ALA A 140 10.63 8.81 7.64
CA ALA A 140 11.04 9.94 6.80
C ALA A 140 11.03 11.24 7.59
N SER A 141 10.22 11.36 8.65
CA SER A 141 10.19 12.53 9.52
C SER A 141 11.02 12.35 10.79
N GLY A 142 11.80 11.28 10.88
CA GLY A 142 12.61 11.08 12.07
C GLY A 142 11.86 10.50 13.25
N LEU A 143 10.67 9.96 13.02
CA LEU A 143 9.84 9.33 14.03
C LEU A 143 9.88 7.83 13.86
N ARG A 144 9.21 7.12 14.76
CA ARG A 144 9.06 5.67 14.70
C ARG A 144 7.62 5.34 14.33
N GLY A 145 7.43 4.28 13.56
CA GLY A 145 6.11 3.91 13.08
C GLY A 145 5.88 2.42 13.02
N ASP A 146 6.64 1.63 13.78
CA ASP A 146 6.34 0.20 13.81
C ASP A 146 5.29 -0.07 14.88
N GLY A 147 4.93 -1.33 15.04
CA GLY A 147 3.84 -1.68 15.93
C GLY A 147 2.88 -2.63 15.27
N GLY A 148 2.02 -3.18 16.10
CA GLY A 148 1.16 -4.24 15.68
C GLY A 148 1.56 -5.50 16.39
N PHE A 149 0.57 -6.14 16.98
CA PHE A 149 0.74 -7.45 17.56
C PHE A 149 1.16 -8.50 16.54
N ILE A 150 0.91 -8.27 15.24
CA ILE A 150 1.15 -9.28 14.21
C ILE A 150 1.92 -8.64 13.06
N GLU A 151 3.07 -9.22 12.73
CA GLU A 151 3.98 -8.67 11.74
C GLU A 151 3.55 -9.06 10.31
N ARG A 152 4.18 -8.43 9.32
CA ARG A 152 3.77 -8.65 7.94
C ARG A 152 3.80 -10.12 7.53
N PRO A 153 4.86 -10.89 7.78
CA PRO A 153 4.81 -12.30 7.38
C PRO A 153 3.65 -13.05 7.99
N GLU A 154 3.33 -12.76 9.27
N GLU A 154 3.33 -12.78 9.26
CA GLU A 154 2.22 -13.43 9.95
CA GLU A 154 2.23 -13.46 9.91
C GLU A 154 0.89 -13.00 9.37
C GLU A 154 0.88 -13.00 9.36
N ARG A 155 0.78 -11.74 8.98
CA ARG A 155 -0.45 -11.28 8.33
C ARG A 155 -0.64 -12.01 7.01
N LEU A 156 0.43 -12.21 6.25
CA LEU A 156 0.31 -12.98 5.02
C LEU A 156 -0.10 -14.41 5.31
N ILE A 157 0.39 -14.98 6.42
CA ILE A 157 0.06 -16.36 6.79
C ILE A 157 -1.44 -16.50 6.99
N ILE A 158 -2.06 -15.49 7.58
CA ILE A 158 -3.50 -15.57 7.84
C ILE A 158 -4.27 -15.71 6.54
N VAL A 159 -4.02 -14.81 5.60
CA VAL A 159 -4.86 -14.82 4.40
C VAL A 159 -4.48 -15.99 3.51
N LEU A 160 -3.19 -16.33 3.43
CA LEU A 160 -2.78 -17.42 2.57
C LEU A 160 -3.25 -18.76 3.13
N THR A 161 -3.25 -18.91 4.46
CA THR A 161 -3.78 -20.13 5.06
C THR A 161 -5.28 -20.24 4.76
N GLY A 162 -6.02 -19.16 4.96
CA GLY A 162 -7.44 -19.20 4.64
C GLY A 162 -7.69 -19.59 3.20
N ALA A 163 -6.98 -18.93 2.27
CA ALA A 163 -7.12 -19.27 0.87
C ALA A 163 -6.78 -20.73 0.62
N GLY A 164 -5.64 -21.18 1.16
CA GLY A 164 -5.17 -22.52 0.86
C GLY A 164 -6.07 -23.61 1.42
N VAL A 165 -6.51 -23.43 2.67
CA VAL A 165 -7.42 -24.40 3.28
C VAL A 165 -8.75 -24.41 2.52
N SER A 166 -9.20 -23.24 2.07
CA SER A 166 -10.46 -23.18 1.35
C SER A 166 -10.40 -24.00 0.08
N ASP A 167 -9.20 -24.24 -0.42
CA ASP A 167 -8.99 -24.94 -1.69
C ASP A 167 -8.13 -26.18 -1.49
N PHE A 168 -8.10 -26.67 -0.25
CA PHE A 168 -7.14 -27.69 0.13
C PHE A 168 -7.39 -28.99 -0.63
N PRO A 169 -6.32 -29.66 -1.11
CA PRO A 169 -6.52 -30.90 -1.89
C PRO A 169 -7.33 -31.91 -1.10
N PHE A 170 -8.31 -32.51 -1.76
CA PHE A 170 -9.09 -33.62 -1.21
C PHE A 170 -10.05 -33.20 -0.11
N VAL A 171 -9.60 -32.44 0.89
CA VAL A 171 -10.50 -32.09 1.99
C VAL A 171 -10.57 -30.58 2.20
N PRO A 172 -11.09 -29.82 1.24
CA PRO A 172 -11.13 -28.36 1.41
C PRO A 172 -12.20 -27.92 2.40
N TRP A 173 -11.95 -26.77 3.04
CA TRP A 173 -12.98 -26.13 3.87
C TRP A 173 -13.23 -24.71 3.34
N PRO A 174 -14.16 -24.57 2.41
CA PRO A 174 -14.36 -23.29 1.70
C PRO A 174 -14.53 -22.09 2.62
N PRO A 175 -15.13 -22.24 3.80
CA PRO A 175 -15.30 -21.07 4.67
C PRO A 175 -13.99 -20.43 5.08
N ALA A 176 -12.88 -21.18 5.03
CA ALA A 176 -11.62 -20.69 5.57
C ALA A 176 -11.17 -19.39 4.89
N LEU A 177 -11.54 -19.19 3.63
CA LEU A 177 -11.07 -17.99 2.93
C LEU A 177 -11.68 -16.74 3.58
N SER A 178 -12.99 -16.81 3.85
CA SER A 178 -13.69 -15.71 4.47
C SER A 178 -13.22 -15.49 5.90
N VAL A 179 -12.99 -16.58 6.64
CA VAL A 179 -12.51 -16.48 8.01
C VAL A 179 -11.17 -15.77 8.04
N GLY A 180 -10.24 -16.21 7.18
CA GLY A 180 -8.93 -15.58 7.14
C GLY A 180 -9.01 -14.11 6.77
N MET A 181 -9.82 -13.77 5.76
CA MET A 181 -9.86 -12.39 5.30
C MET A 181 -10.45 -11.45 6.35
N TRP A 182 -11.56 -11.84 6.98
CA TRP A 182 -12.13 -10.98 8.01
C TRP A 182 -11.20 -10.87 9.22
N LEU A 183 -10.57 -11.96 9.62
CA LEU A 183 -9.61 -11.85 10.71
C LEU A 183 -8.49 -10.88 10.36
N LEU A 184 -8.00 -10.95 9.12
CA LEU A 184 -6.90 -10.07 8.71
C LEU A 184 -7.37 -8.63 8.62
N ALA A 185 -8.60 -8.40 8.15
CA ALA A 185 -9.14 -7.04 8.08
C ALA A 185 -9.18 -6.40 9.45
N VAL A 186 -9.69 -7.13 10.45
CA VAL A 186 -9.77 -6.59 11.81
C VAL A 186 -8.36 -6.32 12.35
N ALA A 187 -7.47 -7.30 12.22
CA ALA A 187 -6.10 -7.15 12.71
C ALA A 187 -5.40 -5.98 12.03
N SER A 188 -5.65 -5.78 10.74
CA SER A 188 -4.93 -4.75 10.00
C SER A 188 -5.41 -3.37 10.38
N VAL A 189 -6.73 -3.20 10.53
CA VAL A 189 -7.23 -1.91 10.95
C VAL A 189 -6.62 -1.54 12.30
N ILE A 190 -6.60 -2.50 13.23
CA ILE A 190 -6.01 -2.24 14.55
C ILE A 190 -4.54 -1.87 14.41
N THR A 191 -3.81 -2.60 13.58
CA THR A 191 -2.39 -2.34 13.41
C THR A 191 -2.15 -0.91 12.94
N CYS A 192 -3.01 -0.41 12.05
CA CYS A 192 -2.92 0.97 11.60
C CYS A 192 -2.98 1.95 12.77
N VAL A 193 -3.98 1.76 13.65
CA VAL A 193 -4.13 2.66 14.78
C VAL A 193 -2.93 2.55 15.73
N GLN A 194 -2.52 1.31 16.02
CA GLN A 194 -1.36 1.09 16.88
C GLN A 194 -0.11 1.77 16.31
N ARG A 195 0.09 1.71 15.00
CA ARG A 195 1.29 2.31 14.44
C ARG A 195 1.23 3.82 14.52
N LEU A 196 0.07 4.41 14.24
CA LEU A 196 -0.05 5.85 14.38
C LEU A 196 0.19 6.25 15.81
N HIS A 197 -0.16 5.39 16.77
CA HIS A 197 0.10 5.71 18.15
C HIS A 197 1.60 5.74 18.43
N THR A 198 2.34 4.81 17.84
CA THR A 198 3.79 4.83 17.93
C THR A 198 4.38 6.11 17.38
N VAL A 199 3.83 6.61 16.26
CA VAL A 199 4.32 7.88 15.73
C VAL A 199 4.13 8.98 16.76
N TRP A 200 2.93 9.04 17.33
CA TRP A 200 2.53 10.06 18.29
C TRP A 200 3.43 10.05 19.53
N THR A 201 3.86 8.87 19.97
CA THR A 201 4.71 8.77 21.15
C THR A 201 6.20 8.77 20.81
N SER A 202 6.56 9.13 19.59
CA SER A 202 7.97 9.18 19.22
C SER A 202 8.63 10.46 19.70
N PRO A 203 9.93 10.42 20.02
CA PRO A 203 10.63 11.64 20.39
C PRO A 203 10.47 12.69 19.30
N GLY A 204 10.07 13.89 19.74
CA GLY A 204 9.93 15.02 18.86
C GLY A 204 8.67 15.03 18.01
N ALA A 205 7.73 14.12 18.27
CA ALA A 205 6.56 13.98 17.40
C ALA A 205 5.59 15.14 17.50
N ILE A 206 5.49 15.78 18.67
CA ILE A 206 4.44 16.78 18.86
C ILE A 206 4.97 18.15 19.25
N ASP A 207 6.28 18.41 19.08
CA ASP A 207 6.78 19.77 19.17
C ASP A 207 6.25 20.58 17.98
N ARG A 208 5.80 21.80 18.24
CA ARG A 208 5.39 22.65 17.14
C ARG A 208 6.60 23.35 16.52
N MET A 209 6.59 23.48 15.19
CA MET A 209 7.71 24.15 14.54
C MET A 209 7.27 25.03 13.38
N ALA A 210 8.15 25.99 13.07
CA ALA A 210 7.96 26.94 11.98
C ALA A 210 6.77 27.82 12.28
N ILE B 15 -8.61 33.70 2.01
CA ILE B 15 -9.75 32.78 2.05
C ILE B 15 -9.64 31.82 3.22
N THR B 16 -8.49 31.13 3.32
CA THR B 16 -8.35 30.07 4.30
C THR B 16 -8.23 30.61 5.73
N THR B 17 -7.55 31.74 5.91
CA THR B 17 -7.29 32.20 7.27
C THR B 17 -8.58 32.35 8.06
N PRO B 18 -9.60 33.07 7.59
CA PRO B 18 -10.81 33.23 8.40
C PRO B 18 -11.49 31.91 8.70
N ILE B 19 -11.52 30.99 7.73
CA ILE B 19 -12.11 29.68 7.98
C ILE B 19 -11.32 28.97 9.08
N ALA B 20 -9.98 28.96 8.95
CA ALA B 20 -9.13 28.28 9.93
C ALA B 20 -9.31 28.85 11.33
N ARG B 21 -9.21 30.18 11.45
CA ARG B 21 -9.43 30.82 12.74
C ARG B 21 -10.78 30.43 13.33
N GLY B 22 -11.82 30.35 12.49
CA GLY B 22 -13.12 29.96 13.01
C GLY B 22 -13.12 28.53 13.54
N LEU B 23 -12.50 27.61 12.81
CA LEU B 23 -12.42 26.24 13.27
C LEU B 23 -11.58 26.11 14.55
N LEU B 24 -10.54 26.94 14.70
CA LEU B 24 -9.80 26.92 15.96
C LEU B 24 -10.64 27.40 17.13
N ARG B 25 -11.41 28.47 16.94
CA ARG B 25 -12.30 28.95 18.00
C ARG B 25 -13.31 27.89 18.42
N VAL B 26 -13.77 27.07 17.48
CA VAL B 26 -14.65 25.97 17.83
C VAL B 26 -13.97 25.01 18.80
N GLY B 27 -12.63 25.00 18.83
CA GLY B 27 -11.89 24.05 19.62
C GLY B 27 -11.33 22.91 18.80
N LEU B 28 -11.49 22.96 17.49
CA LEU B 28 -10.90 21.96 16.62
C LEU B 28 -9.42 22.24 16.47
N THR B 29 -8.66 21.16 16.31
CA THR B 29 -7.23 21.19 16.06
C THR B 29 -6.93 20.78 14.63
N PRO B 30 -5.72 21.08 14.14
CA PRO B 30 -5.34 20.59 12.80
C PRO B 30 -5.56 19.09 12.63
N ASP B 31 -5.09 18.28 13.57
CA ASP B 31 -5.16 16.83 13.40
C ASP B 31 -6.61 16.34 13.40
N VAL B 32 -7.47 16.92 14.22
CA VAL B 32 -8.87 16.53 14.21
C VAL B 32 -9.49 16.87 12.86
N VAL B 33 -9.18 18.04 12.33
CA VAL B 33 -9.72 18.44 11.04
C VAL B 33 -9.22 17.49 9.95
N THR B 34 -7.94 17.10 10.01
CA THR B 34 -7.43 16.10 9.09
C THR B 34 -8.28 14.84 9.15
N ILE B 35 -8.51 14.33 10.36
CA ILE B 35 -9.24 13.08 10.50
C ILE B 35 -10.68 13.23 10.00
N LEU B 36 -11.34 14.34 10.36
CA LEU B 36 -12.73 14.56 9.95
C LEU B 36 -12.85 14.69 8.44
N GLY B 37 -11.96 15.49 7.85
CA GLY B 37 -12.01 15.68 6.41
C GLY B 37 -11.81 14.38 5.68
N THR B 38 -10.88 13.57 6.18
CA THR B 38 -10.63 12.26 5.59
C THR B 38 -11.84 11.34 5.76
N THR B 39 -12.43 11.29 6.96
CA THR B 39 -13.59 10.45 7.18
C THR B 39 -14.74 10.84 6.24
N ALA B 40 -14.97 12.13 6.06
CA ALA B 40 -16.02 12.61 5.17
C ALA B 40 -15.74 12.25 3.72
N SER B 41 -14.48 12.39 3.31
CA SER B 41 -14.09 12.04 1.96
C SER B 41 -14.32 10.55 1.70
N VAL B 42 -13.88 9.73 2.66
CA VAL B 42 -14.08 8.29 2.57
C VAL B 42 -15.57 7.96 2.50
N ALA B 43 -16.37 8.55 3.39
CA ALA B 43 -17.81 8.29 3.37
C ALA B 43 -18.43 8.69 2.03
N GLY B 44 -18.02 9.83 1.48
CA GLY B 44 -18.53 10.23 0.18
C GLY B 44 -18.20 9.22 -0.91
N ALA B 45 -16.92 8.87 -1.01
CA ALA B 45 -16.47 7.93 -2.04
C ALA B 45 -17.17 6.59 -1.90
N LEU B 46 -17.30 6.09 -0.67
CA LEU B 46 -17.83 4.75 -0.50
C LEU B 46 -19.35 4.71 -0.49
N THR B 47 -20.03 5.83 -0.34
CA THR B 47 -21.47 5.81 -0.47
C THR B 47 -21.89 6.15 -1.90
N LEU B 48 -21.29 7.19 -2.50
CA LEU B 48 -21.80 7.71 -3.75
C LEU B 48 -21.25 6.96 -4.98
N PHE B 49 -19.96 6.58 -4.96
CA PHE B 49 -19.45 5.92 -6.15
C PHE B 49 -20.08 4.53 -6.35
N PRO B 50 -20.23 3.71 -5.31
CA PRO B 50 -20.84 2.39 -5.54
C PRO B 50 -22.27 2.46 -6.07
N MET B 51 -22.98 3.56 -5.82
CA MET B 51 -24.32 3.80 -6.34
C MET B 51 -24.34 4.39 -7.74
N GLY B 52 -23.18 4.61 -8.35
CA GLY B 52 -23.14 5.19 -9.65
C GLY B 52 -23.31 6.69 -9.69
N LYS B 53 -23.33 7.35 -8.53
CA LYS B 53 -23.42 8.81 -8.48
C LYS B 53 -22.01 9.40 -8.55
N LEU B 54 -21.42 9.26 -9.74
CA LEU B 54 -20.01 9.57 -9.93
C LEU B 54 -19.75 11.09 -9.94
N PHE B 55 -20.68 11.88 -10.48
CA PHE B 55 -20.50 13.32 -10.46
C PHE B 55 -20.61 13.85 -9.03
N ALA B 56 -21.62 13.40 -8.30
CA ALA B 56 -21.79 13.85 -6.92
C ALA B 56 -20.60 13.41 -6.06
N GLY B 57 -20.18 12.14 -6.20
CA GLY B 57 -19.03 11.66 -5.47
C GLY B 57 -17.77 12.45 -5.79
N ALA B 58 -17.55 12.76 -7.06
CA ALA B 58 -16.37 13.53 -7.45
C ALA B 58 -16.38 14.91 -6.82
N CYS B 59 -17.56 15.56 -6.78
CA CYS B 59 -17.65 16.88 -6.15
C CYS B 59 -17.38 16.80 -4.65
N VAL B 60 -17.95 15.79 -3.98
CA VAL B 60 -17.72 15.61 -2.55
C VAL B 60 -16.24 15.41 -2.27
N VAL B 61 -15.59 14.52 -3.04
CA VAL B 61 -14.17 14.27 -2.81
C VAL B 61 -13.37 15.54 -3.08
N TRP B 62 -13.68 16.26 -4.16
CA TRP B 62 -12.90 17.46 -4.42
C TRP B 62 -13.10 18.46 -3.30
N PHE B 63 -14.34 18.56 -2.80
CA PHE B 63 -14.63 19.49 -1.71
C PHE B 63 -13.71 19.21 -0.51
N PHE B 64 -13.56 17.94 -0.15
CA PHE B 64 -12.72 17.65 1.01
C PHE B 64 -11.24 17.66 0.69
N VAL B 65 -10.83 17.54 -0.57
CA VAL B 65 -9.46 17.87 -0.92
C VAL B 65 -9.16 19.32 -0.56
N LEU B 66 -10.01 20.23 -1.01
CA LEU B 66 -9.84 21.64 -0.65
C LEU B 66 -9.92 21.81 0.85
N PHE B 67 -10.77 21.05 1.51
CA PHE B 67 -10.91 21.12 2.96
C PHE B 67 -9.64 20.64 3.66
N ASP B 68 -8.88 19.70 3.07
CA ASP B 68 -7.65 19.19 3.67
C ASP B 68 -6.58 20.26 3.78
N MET B 69 -6.71 21.34 2.98
CA MET B 69 -5.78 22.45 3.09
C MET B 69 -6.01 23.26 4.37
N LEU B 70 -7.14 23.07 5.04
CA LEU B 70 -7.41 23.88 6.22
C LEU B 70 -6.54 23.47 7.41
N ASP B 71 -6.09 22.21 7.49
CA ASP B 71 -5.24 21.84 8.61
C ASP B 71 -3.95 22.66 8.62
N GLY B 72 -3.39 22.94 7.43
CA GLY B 72 -2.18 23.73 7.38
C GLY B 72 -2.41 25.18 7.75
N ALA B 73 -3.51 25.76 7.26
CA ALA B 73 -3.88 27.11 7.65
C ALA B 73 -4.06 27.20 9.16
N MET B 74 -4.73 26.21 9.75
CA MET B 74 -4.92 26.20 11.19
C MET B 74 -3.57 26.10 11.92
N ALA B 75 -2.69 25.21 11.44
CA ALA B 75 -1.39 25.01 12.10
C ALA B 75 -0.59 26.30 12.08
N ARG B 76 -0.66 27.06 10.98
CA ARG B 76 -0.01 28.36 10.93
C ARG B 76 -0.55 29.27 12.03
N GLU B 77 -1.87 29.41 12.12
CA GLU B 77 -2.46 30.26 13.15
C GLU B 77 -2.08 29.83 14.56
N ARG B 78 -1.67 28.58 14.74
CA ARG B 78 -1.29 28.04 16.04
C ARG B 78 0.21 28.17 16.33
N GLY B 79 0.95 28.82 15.44
CA GLY B 79 2.39 28.91 15.62
C GLY B 79 3.17 27.76 15.01
N GLY B 80 2.51 26.82 14.36
CA GLY B 80 3.18 25.78 13.59
C GLY B 80 2.53 24.43 13.76
N GLY B 81 2.85 23.52 12.84
CA GLY B 81 2.38 22.15 12.90
C GLY B 81 3.38 21.22 13.57
N THR B 82 3.08 19.93 13.53
CA THR B 82 3.92 18.93 14.16
C THR B 82 4.35 17.88 13.16
N ARG B 83 5.45 17.19 13.48
CA ARG B 83 5.85 16.07 12.66
C ARG B 83 4.77 15.00 12.66
N PHE B 84 4.18 14.71 13.82
CA PHE B 84 3.09 13.75 13.87
C PHE B 84 1.98 14.15 12.93
N GLY B 85 1.57 15.43 12.98
CA GLY B 85 0.52 15.90 12.09
C GLY B 85 0.83 15.67 10.62
N ALA B 86 2.09 15.89 10.24
CA ALA B 86 2.47 15.64 8.86
C ALA B 86 2.29 14.18 8.49
N VAL B 87 2.71 13.25 9.39
CA VAL B 87 2.60 11.83 9.13
C VAL B 87 1.15 11.41 9.06
N LEU B 88 0.34 11.94 9.97
CA LEU B 88 -1.10 11.66 10.01
C LEU B 88 -1.77 12.13 8.74
N ASP B 89 -1.45 13.35 8.31
CA ASP B 89 -2.05 13.92 7.11
C ASP B 89 -1.70 13.08 5.89
N ALA B 90 -0.42 12.73 5.75
CA ALA B 90 0.01 11.90 4.64
C ALA B 90 -0.65 10.53 4.66
N THR B 91 -0.73 9.90 5.84
CA THR B 91 -1.42 8.62 5.96
C THR B 91 -2.89 8.75 5.58
N CYS B 92 -3.53 9.81 6.07
CA CYS B 92 -4.94 10.03 5.73
C CYS B 92 -5.15 10.20 4.23
N ASP B 93 -4.21 10.89 3.57
CA ASP B 93 -4.25 11.02 2.12
C ASP B 93 -4.23 9.66 1.43
N ARG B 94 -3.43 8.70 1.94
CA ARG B 94 -3.40 7.35 1.36
C ARG B 94 -4.75 6.67 1.51
N ILE B 95 -5.37 6.82 2.67
CA ILE B 95 -6.65 6.19 2.93
C ILE B 95 -7.71 6.79 2.02
N SER B 96 -7.69 8.12 1.87
CA SER B 96 -8.65 8.80 1.00
C SER B 96 -8.48 8.37 -0.45
N ASP B 97 -7.23 8.31 -0.93
CA ASP B 97 -7.01 7.80 -2.29
C ASP B 97 -7.49 6.36 -2.43
N GLY B 98 -7.20 5.53 -1.44
CA GLY B 98 -7.68 4.16 -1.47
C GLY B 98 -9.19 4.09 -1.62
N ALA B 99 -9.91 4.87 -0.81
CA ALA B 99 -11.37 4.86 -0.85
C ALA B 99 -11.91 5.30 -2.21
N VAL B 100 -11.27 6.29 -2.85
CA VAL B 100 -11.71 6.76 -4.17
C VAL B 100 -11.70 5.61 -5.16
N PHE B 101 -10.57 4.91 -5.24
CA PHE B 101 -10.47 3.81 -6.20
C PHE B 101 -11.33 2.61 -5.80
N CYS B 102 -11.47 2.34 -4.50
CA CYS B 102 -12.36 1.27 -4.06
C CYS B 102 -13.82 1.57 -4.42
N GLY B 103 -14.25 2.81 -4.21
CA GLY B 103 -15.61 3.17 -4.51
C GLY B 103 -15.91 3.05 -5.99
N LEU B 104 -15.01 3.56 -6.83
CA LEU B 104 -15.18 3.44 -8.26
C LEU B 104 -15.09 1.99 -8.72
N LEU B 105 -14.12 1.26 -8.16
CA LEU B 105 -13.99 -0.16 -8.47
C LEU B 105 -15.32 -0.87 -8.29
N TRP B 106 -16.04 -0.54 -7.25
CA TRP B 106 -17.27 -1.24 -6.95
C TRP B 106 -18.30 -1.01 -8.05
N TRP B 107 -18.43 0.25 -8.50
CA TRP B 107 -19.33 0.55 -9.60
C TRP B 107 -18.89 -0.15 -10.87
N ILE B 108 -17.60 -0.01 -11.22
CA ILE B 108 -17.09 -0.60 -12.45
C ILE B 108 -17.24 -2.12 -12.45
N ALA B 109 -16.88 -2.75 -11.33
CA ALA B 109 -16.89 -4.20 -11.24
C ALA B 109 -18.30 -4.77 -11.34
N PHE B 110 -19.24 -4.19 -10.62
CA PHE B 110 -20.53 -4.83 -10.44
C PHE B 110 -21.66 -4.22 -11.26
N HIS B 111 -21.43 -3.09 -11.93
CA HIS B 111 -22.48 -2.39 -12.64
C HIS B 111 -22.06 -1.98 -14.04
N MET B 112 -20.93 -2.47 -14.54
CA MET B 112 -20.48 -2.25 -15.90
C MET B 112 -20.00 -3.58 -16.46
N ARG B 113 -19.81 -3.63 -17.78
CA ARG B 113 -19.29 -4.80 -18.46
C ARG B 113 -17.95 -4.45 -19.11
N ASP B 114 -16.92 -4.25 -18.29
CA ASP B 114 -15.66 -3.75 -18.76
C ASP B 114 -14.59 -4.27 -17.80
N ARG B 115 -14.32 -5.58 -17.91
CA ARG B 115 -13.33 -6.21 -17.05
C ARG B 115 -11.95 -5.62 -17.22
N PRO B 116 -11.50 -5.26 -18.44
CA PRO B 116 -10.20 -4.56 -18.53
C PRO B 116 -10.17 -3.30 -17.69
N LEU B 117 -11.29 -2.57 -17.63
CA LEU B 117 -11.34 -1.36 -16.83
C LEU B 117 -11.19 -1.68 -15.34
N VAL B 118 -11.71 -2.83 -14.89
CA VAL B 118 -11.49 -3.27 -13.51
C VAL B 118 -10.00 -3.41 -13.25
N ILE B 119 -9.28 -3.98 -14.21
CA ILE B 119 -7.83 -4.15 -14.08
C ILE B 119 -7.15 -2.78 -14.00
N ALA B 120 -7.52 -1.87 -14.90
CA ALA B 120 -6.97 -0.53 -14.86
C ALA B 120 -7.25 0.14 -13.51
N THR B 121 -8.46 -0.06 -12.98
CA THR B 121 -8.80 0.54 -11.70
C THR B 121 -7.93 -0.03 -10.57
N LEU B 122 -7.69 -1.34 -10.61
CA LEU B 122 -6.84 -1.97 -9.60
C LEU B 122 -5.40 -1.51 -9.73
N ILE B 123 -4.92 -1.34 -10.97
CA ILE B 123 -3.57 -0.79 -11.15
C ILE B 123 -3.49 0.60 -10.53
N CYS B 124 -4.53 1.42 -10.73
CA CYS B 124 -4.54 2.75 -10.14
C CYS B 124 -4.56 2.67 -8.62
N LEU B 125 -5.43 1.83 -8.08
CA LEU B 125 -5.51 1.61 -6.64
C LEU B 125 -4.13 1.27 -6.06
N VAL B 126 -3.47 0.26 -6.61
CA VAL B 126 -2.19 -0.17 -6.03
C VAL B 126 -1.13 0.90 -6.27
N THR B 127 -1.06 1.44 -7.50
CA THR B 127 0.03 2.37 -7.79
C THR B 127 -0.14 3.67 -7.02
N SER B 128 -1.39 4.11 -6.74
CA SER B 128 -1.57 5.32 -5.93
C SER B 128 -0.88 5.17 -4.59
N GLN B 129 -0.89 3.97 -4.03
CA GLN B 129 -0.19 3.72 -2.77
C GLN B 129 1.31 3.64 -2.98
N VAL B 130 1.73 2.89 -4.00
CA VAL B 130 3.16 2.62 -4.15
C VAL B 130 3.93 3.90 -4.53
N ILE B 131 3.34 4.75 -5.39
CA ILE B 131 4.01 6.01 -5.73
C ILE B 131 4.39 6.79 -4.48
N SER B 132 3.42 7.00 -3.58
CA SER B 132 3.69 7.71 -2.33
C SER B 132 4.68 6.95 -1.47
N TYR B 133 4.54 5.62 -1.43
CA TYR B 133 5.40 4.79 -0.60
C TYR B 133 6.86 4.92 -0.99
N ILE B 134 7.15 4.91 -2.28
CA ILE B 134 8.53 4.99 -2.71
C ILE B 134 9.19 6.24 -2.16
N LYS B 135 8.50 7.37 -2.24
CA LYS B 135 9.05 8.62 -1.72
C LYS B 135 9.30 8.52 -0.22
N ALA B 136 8.29 8.11 0.53
CA ALA B 136 8.45 8.04 1.98
C ALA B 136 9.58 7.07 2.38
N ARG B 137 9.61 5.90 1.74
CA ARG B 137 10.58 4.88 2.11
C ARG B 137 12.00 5.31 1.74
N ALA B 138 12.14 5.98 0.60
CA ALA B 138 13.43 6.55 0.20
C ALA B 138 13.92 7.53 1.25
N GLU B 139 13.06 8.46 1.64
CA GLU B 139 13.41 9.44 2.64
C GLU B 139 13.74 8.80 3.97
N ALA B 140 13.05 7.70 4.31
CA ALA B 140 13.37 7.01 5.55
C ALA B 140 14.79 6.47 5.54
N SER B 141 15.38 6.25 4.37
CA SER B 141 16.77 5.81 4.26
C SER B 141 17.72 6.95 3.88
N GLY B 142 17.27 8.20 3.97
CA GLY B 142 18.07 9.37 3.60
C GLY B 142 18.26 9.56 2.13
N LEU B 143 17.44 8.91 1.28
CA LEU B 143 17.48 9.08 -0.16
C LEU B 143 16.27 9.91 -0.60
N ARG B 144 16.13 10.06 -1.91
CA ARG B 144 15.01 10.79 -2.48
C ARG B 144 14.22 9.90 -3.40
N GLY B 145 12.93 10.13 -3.44
CA GLY B 145 12.07 9.37 -4.33
C GLY B 145 10.95 10.21 -4.87
N ASP B 146 11.23 11.49 -5.17
CA ASP B 146 10.24 12.49 -5.57
C ASP B 146 10.16 12.60 -7.09
N GLY B 147 9.36 13.56 -7.58
CA GLY B 147 9.19 13.73 -9.02
C GLY B 147 8.28 12.71 -9.66
N GLY B 148 8.45 12.53 -10.96
CA GLY B 148 7.60 11.65 -11.72
C GLY B 148 6.37 12.35 -12.25
N PHE B 149 5.62 11.63 -13.08
CA PHE B 149 4.46 12.20 -13.76
C PHE B 149 3.28 12.40 -12.81
N ILE B 150 2.99 11.40 -11.95
CA ILE B 150 1.74 11.39 -11.19
C ILE B 150 2.05 11.58 -9.72
N GLU B 151 1.68 12.74 -9.21
CA GLU B 151 1.51 12.95 -7.79
C GLU B 151 0.03 13.14 -7.49
N ARG B 152 -0.29 13.33 -6.21
CA ARG B 152 -1.69 13.26 -5.84
C ARG B 152 -2.54 14.27 -6.61
N PRO B 153 -2.15 15.53 -6.79
CA PRO B 153 -3.04 16.45 -7.53
C PRO B 153 -3.35 16.00 -8.95
N GLU B 154 -2.34 15.51 -9.69
CA GLU B 154 -2.60 14.95 -11.02
C GLU B 154 -3.46 13.70 -10.95
N ARG B 155 -3.21 12.85 -9.96
CA ARG B 155 -4.00 11.65 -9.79
C ARG B 155 -5.46 12.01 -9.62
N LEU B 156 -5.77 12.90 -8.69
CA LEU B 156 -7.16 13.18 -8.40
C LEU B 156 -7.82 13.91 -9.56
N ILE B 157 -7.13 14.88 -10.16
CA ILE B 157 -7.70 15.60 -11.29
C ILE B 157 -8.14 14.63 -12.39
N ILE B 158 -7.26 13.68 -12.72
CA ILE B 158 -7.53 12.77 -13.82
C ILE B 158 -8.71 11.87 -13.47
N VAL B 159 -8.68 11.23 -12.29
CA VAL B 159 -9.72 10.23 -12.02
C VAL B 159 -11.04 10.91 -11.72
N LEU B 160 -11.02 12.01 -10.96
CA LEU B 160 -12.27 12.66 -10.60
C LEU B 160 -12.89 13.40 -11.78
N THR B 161 -12.06 13.92 -12.69
CA THR B 161 -12.59 14.54 -13.91
C THR B 161 -13.23 13.49 -14.82
N GLY B 162 -12.54 12.37 -15.03
CA GLY B 162 -13.15 11.30 -15.79
C GLY B 162 -14.46 10.85 -15.19
N ALA B 163 -14.48 10.64 -13.87
CA ALA B 163 -15.69 10.19 -13.20
C ALA B 163 -16.80 11.25 -13.28
N GLY B 164 -16.49 12.51 -12.96
CA GLY B 164 -17.48 13.57 -13.05
C GLY B 164 -18.04 13.78 -14.46
N VAL B 165 -17.16 13.79 -15.46
CA VAL B 165 -17.62 13.99 -16.84
C VAL B 165 -18.46 12.82 -17.30
N SER B 166 -18.09 11.60 -16.87
CA SER B 166 -18.83 10.41 -17.27
C SER B 166 -20.27 10.47 -16.80
N ASP B 167 -20.55 11.27 -15.77
CA ASP B 167 -21.84 11.35 -15.11
C ASP B 167 -22.33 12.80 -15.07
N PHE B 168 -21.80 13.64 -15.93
CA PHE B 168 -22.07 15.07 -15.87
C PHE B 168 -23.56 15.36 -16.02
N PRO B 169 -24.12 16.31 -15.26
CA PRO B 169 -25.53 16.65 -15.43
C PRO B 169 -25.85 17.02 -16.88
N PHE B 170 -26.99 16.55 -17.35
CA PHE B 170 -27.53 16.96 -18.65
C PHE B 170 -26.75 16.43 -19.86
N VAL B 171 -25.44 16.65 -19.89
CA VAL B 171 -24.62 16.25 -21.03
C VAL B 171 -23.46 15.35 -20.58
N PRO B 172 -23.72 14.17 -20.04
CA PRO B 172 -22.62 13.28 -19.66
C PRO B 172 -21.85 12.79 -20.88
N TRP B 173 -20.62 12.35 -20.64
CA TRP B 173 -19.85 11.63 -21.66
C TRP B 173 -19.30 10.35 -21.05
N PRO B 174 -20.07 9.26 -21.08
CA PRO B 174 -19.73 8.05 -20.30
C PRO B 174 -18.30 7.53 -20.51
N PRO B 175 -17.73 7.63 -21.71
CA PRO B 175 -16.39 7.04 -21.91
C PRO B 175 -15.29 7.70 -21.06
N ALA B 176 -15.58 8.87 -20.50
CA ALA B 176 -14.59 9.62 -19.77
C ALA B 176 -14.05 8.84 -18.57
N LEU B 177 -14.90 8.03 -17.92
CA LEU B 177 -14.43 7.27 -16.77
C LEU B 177 -13.28 6.38 -17.19
N SER B 178 -13.45 5.71 -18.33
CA SER B 178 -12.45 4.74 -18.78
C SER B 178 -11.20 5.44 -19.30
N VAL B 179 -11.38 6.57 -19.99
CA VAL B 179 -10.22 7.32 -20.50
C VAL B 179 -9.34 7.77 -19.34
N GLY B 180 -9.95 8.33 -18.29
CA GLY B 180 -9.19 8.78 -17.16
C GLY B 180 -8.47 7.64 -16.45
N MET B 181 -9.17 6.54 -16.22
CA MET B 181 -8.56 5.43 -15.47
C MET B 181 -7.38 4.82 -16.24
N TRP B 182 -7.54 4.60 -17.54
CA TRP B 182 -6.41 4.07 -18.31
C TRP B 182 -5.25 5.05 -18.35
N LEU B 183 -5.52 6.33 -18.62
CA LEU B 183 -4.45 7.33 -18.60
C LEU B 183 -3.72 7.31 -17.26
N LEU B 184 -4.46 7.30 -16.17
CA LEU B 184 -3.83 7.30 -14.85
C LEU B 184 -3.09 5.99 -14.59
N ALA B 185 -3.62 4.87 -15.07
CA ALA B 185 -2.95 3.60 -14.84
C ALA B 185 -1.56 3.62 -15.48
N VAL B 186 -1.50 3.98 -16.77
CA VAL B 186 -0.23 3.95 -17.48
C VAL B 186 0.73 4.96 -16.88
N ALA B 187 0.24 6.18 -16.64
CA ALA B 187 1.12 7.22 -16.11
C ALA B 187 1.64 6.85 -14.74
N SER B 188 0.83 6.12 -13.95
CA SER B 188 1.21 5.76 -12.58
C SER B 188 2.28 4.66 -12.55
N VAL B 189 2.15 3.66 -13.41
CA VAL B 189 3.23 2.67 -13.53
C VAL B 189 4.53 3.37 -13.90
N ILE B 190 4.53 4.16 -14.98
CA ILE B 190 5.73 4.91 -15.34
C ILE B 190 6.30 5.65 -14.14
N THR B 191 5.42 6.31 -13.37
CA THR B 191 5.90 7.10 -12.23
C THR B 191 6.61 6.23 -11.21
N CYS B 192 6.14 5.01 -10.97
CA CYS B 192 6.81 4.12 -10.02
C CYS B 192 8.25 3.85 -10.47
N VAL B 193 8.42 3.60 -11.78
CA VAL B 193 9.74 3.37 -12.34
C VAL B 193 10.60 4.61 -12.24
N GLN B 194 10.05 5.78 -12.57
CA GLN B 194 10.77 7.04 -12.44
C GLN B 194 11.28 7.25 -11.02
N ARG B 195 10.41 7.05 -10.03
CA ARG B 195 10.80 7.35 -8.65
C ARG B 195 11.85 6.36 -8.16
N LEU B 196 11.80 5.11 -8.60
CA LEU B 196 12.84 4.18 -8.18
C LEU B 196 14.19 4.55 -8.82
N HIS B 197 14.19 5.03 -10.05
CA HIS B 197 15.43 5.57 -10.62
C HIS B 197 15.96 6.74 -9.81
N THR B 198 15.07 7.65 -9.39
CA THR B 198 15.46 8.74 -8.49
C THR B 198 16.06 8.21 -7.20
N VAL B 199 15.50 7.13 -6.65
CA VAL B 199 16.13 6.50 -5.49
C VAL B 199 17.56 6.09 -5.84
N TRP B 200 17.71 5.39 -6.97
CA TRP B 200 19.01 4.84 -7.33
C TRP B 200 20.06 5.96 -7.47
N THR B 201 19.69 7.10 -8.08
CA THR B 201 20.64 8.19 -8.31
C THR B 201 20.88 9.04 -7.08
N SER B 202 20.19 8.77 -5.98
CA SER B 202 20.32 9.60 -4.81
C SER B 202 21.70 9.44 -4.18
N PRO B 203 22.23 10.51 -3.58
CA PRO B 203 23.56 10.42 -2.98
C PRO B 203 23.58 9.38 -1.86
N GLY B 204 24.53 8.45 -1.99
CA GLY B 204 24.74 7.42 -1.00
C GLY B 204 23.93 6.15 -1.21
N ALA B 205 23.07 6.12 -2.24
CA ALA B 205 22.11 5.03 -2.39
C ALA B 205 22.78 3.67 -2.53
N ILE B 206 23.97 3.60 -3.13
CA ILE B 206 24.65 2.34 -3.33
C ILE B 206 25.98 2.26 -2.57
N ASP B 207 26.17 3.09 -1.54
CA ASP B 207 27.25 2.86 -0.59
C ASP B 207 27.05 1.51 0.10
N ARG B 208 28.10 0.71 0.18
CA ARG B 208 28.00 -0.57 0.86
C ARG B 208 27.82 -0.35 2.36
N MET B 209 26.91 -1.10 2.95
CA MET B 209 26.63 -1.03 4.37
C MET B 209 26.73 -2.41 4.96
N ALA B 210 27.32 -2.50 6.16
CA ALA B 210 27.40 -3.77 6.87
C ALA B 210 26.00 -4.21 7.27
N ILE B 211 25.70 -5.50 7.07
CA ILE B 211 24.38 -6.04 7.39
C ILE B 211 24.47 -6.83 8.69
N PRO B 212 24.06 -6.27 9.82
CA PRO B 212 24.05 -7.07 11.05
C PRO B 212 22.89 -8.05 11.04
N GLY B 213 23.14 -9.24 11.55
CA GLY B 213 22.07 -10.19 11.70
C GLY B 213 21.02 -9.69 12.67
N LYS B 214 19.76 -9.91 12.32
CA LYS B 214 18.64 -9.70 13.22
C LYS B 214 18.13 -11.05 13.75
N GLY B 215 17.32 -10.98 14.80
CA GLY B 215 16.77 -12.15 15.45
C GLY B 215 17.55 -12.53 16.70
N ASP B 216 16.99 -13.47 17.45
CA ASP B 216 17.68 -13.97 18.64
C ASP B 216 19.00 -14.65 18.28
N ARG B 217 19.08 -15.21 17.08
CA ARG B 217 20.27 -15.87 16.57
C ARG B 217 21.13 -14.95 15.69
N GLU B 218 20.70 -13.70 15.45
CA GLU B 218 21.48 -12.70 14.73
C GLU B 218 21.95 -13.18 13.36
N ASN B 219 21.10 -13.95 12.68
CA ASN B 219 21.43 -14.44 11.35
C ASN B 219 20.29 -14.22 10.37
N LEU B 220 19.37 -13.32 10.70
CA LEU B 220 18.35 -12.88 9.76
C LEU B 220 18.88 -11.62 9.08
N TYR B 221 19.16 -11.72 7.78
CA TYR B 221 19.89 -10.68 7.06
C TYR B 221 18.97 -9.97 6.09
N PHE B 222 18.87 -8.64 6.25
CA PHE B 222 18.04 -7.78 5.43
C PHE B 222 18.81 -6.53 5.05
N GLN B 223 18.63 -6.09 3.79
CA GLN B 223 19.23 -4.84 3.38
C GLN B 223 18.60 -3.66 4.11
MN MN C . 14.18 -9.56 0.17
MN MN D . 10.91 -8.09 1.69
MN MN E . 11.00 -5.50 5.27
MN MN F . 8.77 -5.69 6.97
CAC FLC G . 11.54 -8.34 4.45
CA FLC G . 11.48 -8.30 5.94
CB FLC G . 10.36 -7.38 6.33
CBC FLC G . 9.00 -7.97 5.91
CG FLC G . 10.22 -8.28 7.57
CGC FLC G . 9.19 -7.95 8.67
OA1 FLC G . 12.30 -9.17 3.90
OA2 FLC G . 10.84 -7.52 3.77
OB1 FLC G . 7.94 -7.32 5.87
OB2 FLC G . 8.86 -9.22 5.66
OG1 FLC G . 9.08 -8.75 9.58
OG2 FLC G . 8.48 -6.91 8.73
OHB FLC G . 10.57 -6.29 7.17
CAC FLC H . 11.24 -2.45 5.25
CA FLC H . 9.70 -2.55 5.20
CB FLC H . 8.99 -3.63 6.07
CBC FLC H . 9.56 -3.28 7.44
CG FLC H . 7.59 -3.11 5.86
CGC FLC H . 6.66 -3.72 6.88
OA1 FLC H . 11.94 -1.53 4.72
OA2 FLC H . 11.90 -3.33 5.83
OB1 FLC H . 9.92 -2.07 7.72
OB2 FLC H . 9.63 -4.13 8.33
OG1 FLC H . 6.94 -4.85 7.40
OG2 FLC H . 5.62 -3.09 7.21
OHB FLC H . 9.24 -4.75 5.31
C18 OLC I . 5.08 -1.04 -11.29
C10 OLC I . -2.52 -4.66 -9.86
C9 OLC I . -3.45 -4.80 -10.81
C17 OLC I . 4.15 -1.52 -10.20
C11 OLC I . -1.63 -5.83 -9.49
C8 OLC I . -3.58 -6.12 -11.52
C24 OLC I . -10.98 -10.94 -18.78
C16 OLC I . 2.80 -1.92 -10.79
C12 OLC I . -0.31 -5.27 -9.00
C7 OLC I . -4.81 -6.83 -11.00
C15 OLC I . 2.51 -3.38 -10.51
C13 OLC I . 0.54 -4.92 -10.21
C6 OLC I . -5.35 -7.75 -12.09
C14 OLC I . 1.05 -3.49 -10.09
C5 OLC I . -6.30 -8.74 -11.46
C4 OLC I . -6.20 -10.10 -12.15
C3 OLC I . -7.05 -10.15 -13.40
C2 OLC I . -6.99 -11.53 -14.00
C21 OLC I . -9.48 -10.93 -16.75
C1 OLC I . -7.98 -11.69 -15.12
C22 OLC I . -9.57 -10.68 -18.27
O19 OLC I . -8.64 -12.72 -15.20
O25 OLC I . -11.36 -9.92 -19.68
O23 OLC I . -9.26 -9.34 -18.60
O20 OLC I . -8.19 -10.74 -16.14
C18 OLC J . 0.78 -29.62 3.11
C10 OLC J . -2.01 -23.53 2.55
C9 OLC J . -0.97 -22.94 1.90
C17 OLC J . 1.63 -28.38 3.29
C11 OLC J . -2.04 -23.81 4.04
C8 OLC J . 0.30 -22.50 2.60
C24 OLC J . 6.44 -17.47 11.31
C16 OLC J . 0.78 -27.24 3.81
C12 OLC J . -1.25 -25.08 4.25
C7 OLC J . 0.44 -21.00 2.72
C15 OLC J . 0.39 -27.45 5.26
C13 OLC J . -1.18 -25.51 5.70
C6 OLC J . 0.83 -20.57 4.12
C14 OLC J . 0.17 -26.13 5.99
C5 OLC J . 2.05 -21.28 4.68
C4 OLC J . 2.37 -20.60 5.99
C3 OLC J . 3.51 -21.23 6.77
C2 OLC J . 3.76 -20.25 7.90
C21 OLC J . 6.24 -19.68 10.27
C1 OLC J . 4.62 -20.82 9.01
C22 OLC J . 6.39 -18.19 9.98
O19 OLC J . 5.08 -21.92 8.85
O25 OLC J . 5.28 -17.87 12.03
O23 OLC J . 7.52 -17.85 9.19
O20 OLC J . 4.90 -20.10 10.19
H18 OLC J . 0.41 -29.89 3.97
H18A OLC J . 1.34 -30.35 2.75
H18B OLC J . 0.05 -29.43 2.48
H10 OLC J . -2.79 -23.78 2.03
H9 OLC J . -1.04 -22.80 0.94
H17 OLC J . 2.35 -28.57 3.93
H17A OLC J . 2.03 -28.13 2.43
H11 OLC J . -2.95 -23.93 4.35
H11A OLC J . -1.62 -23.08 4.53
H8 OLC J . 1.06 -22.85 2.10
H8A OLC J . 0.31 -22.89 3.50
H24 OLC J . 7.25 -17.73 11.80
H24A OLC J . 6.43 -16.50 11.17
H16 OLC J . -0.03 -27.17 3.27
H16A OLC J . 1.29 -26.40 3.72
H12 OLC J . -0.33 -24.95 3.93
H12A OLC J . -1.66 -25.79 3.73
H7 OLC J . -0.42 -20.60 2.48
H7A OLC J . 1.12 -20.70 2.10
H15 OLC J . -0.44 -27.98 5.29
H15A OLC J . 1.10 -27.95 5.71
H13 OLC J . -1.89 -26.16 5.88
H13A OLC J . -1.32 -24.72 6.27
H6 OLC J . 0.07 -20.74 4.72
H6A OLC J . 1.00 -19.61 4.10
H14 OLC J . 0.25 -26.29 6.95
H14A OLC J . 0.88 -25.50 5.72
H5 OLC J . 1.85 -22.22 4.83
H5A OLC J . 2.80 -21.19 4.07
H4 OLC J . 1.57 -20.62 6.55
H4A OLC J . 2.60 -19.67 5.82
H3 OLC J . 4.31 -21.31 6.21
H3A OLC J . 3.24 -22.10 7.13
H2 OLC J . 2.90 -19.98 8.28
H2A OLC J . 4.20 -19.45 7.55
H21 OLC J . 6.77 -20.18 9.61
H21A OLC J . 6.59 -19.87 11.16
H22 OLC J . 5.59 -17.89 9.51
HO25 OLC J . 5.25 -17.44 12.80
HO23 OLC J . 8.16 -18.47 9.30
C1 LFA K . -3.29 -22.97 -16.51
C2 LFA K . -2.93 -22.19 -15.26
C3 LFA K . -1.55 -22.57 -14.77
C4 LFA K . -0.63 -21.36 -14.82
C5 LFA K . 0.52 -21.56 -13.85
C6 LFA K . 1.47 -20.39 -13.97
C7 LFA K . 1.62 -19.72 -12.62
C8 LFA K . 2.84 -18.80 -12.63
C9 LFA K . 3.72 -19.17 -11.46
C10 LFA K . 4.86 -18.19 -11.31
C11 LFA K . 6.14 -18.92 -10.93
H11 LFA K . -4.19 -22.71 -16.81
H12 LFA K . -3.28 -23.92 -16.31
H13 LFA K . -2.64 -22.77 -17.22
H21 LFA K . -2.95 -21.23 -15.46
H22 LFA K . -3.58 -22.37 -14.55
H31 LFA K . -1.60 -22.90 -13.86
H32 LFA K . -1.18 -23.27 -15.34
H41 LFA K . -0.28 -21.25 -15.71
H42 LFA K . -1.13 -20.56 -14.56
H51 LFA K . 0.18 -21.62 -12.94
H52 LFA K . 1.00 -22.39 -14.07
H61 LFA K . 2.34 -20.71 -14.27
H62 LFA K . 1.13 -19.75 -14.61
H71 LFA K . 0.82 -19.20 -12.43
H72 LFA K . 1.74 -20.39 -11.93
H81 LFA K . 3.32 -18.91 -13.46
H82 LFA K . 2.54 -17.88 -12.54
H91 LFA K . 3.19 -19.18 -10.64
H92 LFA K . 4.09 -20.07 -11.61
H101 LFA K . 5.00 -17.73 -12.16
H102 LFA K . 4.63 -17.54 -10.63
H112 LFA K . 6.85 -18.26 -10.77
C1 LFA L . 1.94 -10.96 -15.00
C2 LFA L . 2.20 -9.65 -14.31
C3 LFA L . 3.69 -9.32 -14.30
C4 LFA L . 3.84 -7.93 -13.67
C5 LFA L . 5.27 -7.66 -13.29
C6 LFA L . 5.34 -6.83 -12.00
C7 LFA L . 6.75 -6.28 -11.86
C8 LFA L . 7.10 -6.08 -10.40
C9 LFA L . 8.56 -5.68 -10.20
C10 LFA L . 8.72 -4.17 -10.30
C11 LFA L . 10.11 -3.78 -9.84
C12 LFA L . 10.47 -2.38 -10.31
C13 LFA L . 11.82 -2.41 -11.04
C14 LFA L . 12.25 -1.03 -11.50
C15 LFA L . 13.63 -0.71 -10.97
C16 LFA L . 14.07 0.66 -11.45
C17 LFA L . 15.53 0.91 -11.15
C18 LFA L . 16.13 1.82 -12.20
C19 LFA L . 17.45 2.42 -11.73
C20 LFA L . 18.64 1.74 -12.39
H11 LFA L . 2.26 -10.91 -15.93
H12 LFA L . 2.42 -11.68 -14.54
H13 LFA L . 0.98 -11.15 -15.00
H21 LFA L . 1.72 -8.94 -14.77
H22 LFA L . 1.89 -9.70 -13.39
H31 LFA L . 4.17 -9.97 -13.77
H32 LFA L . 4.03 -9.30 -15.21
H41 LFA L . 3.54 -7.26 -14.31
H42 LFA L . 3.28 -7.89 -12.86
H51 LFA L . 5.74 -8.50 -13.16
H52 LFA L . 5.71 -7.16 -14.01
H61 LFA L . 4.70 -6.11 -12.05
H62 LFA L . 5.14 -7.41 -11.23
H71 LFA L . 7.39 -6.90 -12.26
H72 LFA L . 6.80 -5.42 -12.32
H81 LFA L . 6.53 -5.38 -10.03
H82 LFA L . 6.93 -6.91 -9.91
H91 LFA L . 8.87 -5.98 -9.33
H92 LFA L . 9.10 -6.11 -10.89
H101 LFA L . 8.60 -3.90 -11.23
H102 LFA L . 8.05 -3.74 -9.75
H111 LFA L . 10.14 -3.80 -8.87
H112 LFA L . 10.75 -4.42 -10.20
H121 LFA L . 9.79 -2.05 -10.92
H122 LFA L . 10.54 -1.78 -9.54
H131 LFA L . 12.50 -2.76 -10.43
H132 LFA L . 11.75 -3.00 -11.81
H141 LFA L . 12.26 -1.00 -12.48
H142 LFA L . 11.62 -0.36 -11.17
H151 LFA L . 13.62 -0.73 -10.00
H152 LFA L . 14.26 -1.38 -11.29
H161 LFA L . 13.92 0.73 -12.41
H162 LFA L . 13.54 1.34 -11.00
H171 LFA L . 15.63 1.32 -10.27
H172 LFA L . 16.01 0.06 -11.16
H181 LFA L . 16.28 1.32 -13.02
H182 LFA L . 15.50 2.54 -12.39
H191 LFA L . 17.47 3.38 -11.95
H192 LFA L . 17.52 2.31 -10.76
H201 LFA L . 18.63 0.78 -12.17
H202 LFA L . 18.58 1.85 -13.36
H203 LFA L . 19.47 2.14 -12.07
MN MN M . 4.82 15.26 -3.39
MN MN N . -4.04 18.58 5.01
MN MN O . -3.23 15.87 2.87
CAC FLC P . 4.85 13.94 -0.49
CA FLC P . 3.61 13.06 -0.63
CB FLC P . 3.23 12.92 -2.09
CBC FLC P . 4.36 12.35 -2.92
CG FLC P . 2.10 11.91 -2.17
CGC FLC P . 1.63 11.79 -3.61
OA1 FLC P . 5.54 13.80 0.54
OA2 FLC P . 5.18 14.79 -1.37
OB1 FLC P . 5.09 13.08 -3.64
OB2 FLC P . 4.53 11.09 -2.86
OG1 FLC P . 1.68 12.81 -4.31
OG2 FLC P . 1.18 10.70 -4.11
OHB FLC P . 2.83 14.20 -2.53
HA1 FLC P . 3.79 12.18 -0.25
HA2 FLC P . 2.88 13.48 -0.14
HG1 FLC P . 2.42 11.04 -1.85
HG2 FLC P . 1.35 12.20 -1.61
HOB FLC P . 2.38 14.61 -1.89
C18 OLC Q . -13.21 4.48 -24.04
C10 OLC Q . -4.73 6.08 -23.02
C9 OLC Q . -3.53 5.55 -22.72
C17 OLC Q . -11.90 3.74 -24.36
C11 OLC Q . -6.03 5.31 -22.83
C8 OLC Q . -3.44 4.14 -22.16
C24 OLC Q . -12.61 -0.23 -22.65
C16 OLC Q . -10.86 4.16 -23.32
C12 OLC Q . -6.14 4.13 -23.79
C7 OLC Q . -3.02 3.16 -23.23
C15 OLC Q . -9.67 3.21 -23.36
C13 OLC Q . -7.20 3.14 -23.31
C6 OLC Q . -3.06 1.73 -22.71
C14 OLC Q . -8.42 3.94 -22.91
C5 OLC Q . -4.37 1.08 -23.09
C4 OLC Q . -4.54 -0.29 -22.43
C3 OLC Q . -6.03 -0.52 -22.22
C2 OLC Q . -6.57 -1.50 -23.24
C21 OLC Q . -10.41 -1.63 -22.69
C1 OLC Q . -8.00 -1.92 -22.93
C22 OLC Q . -11.25 -0.52 -22.04
O19 OLC Q . -8.16 -3.06 -22.54
O25 OLC Q . -13.30 0.73 -21.84
O23 OLC Q . -11.48 -0.79 -20.68
O20 OLC Q . -9.14 -1.10 -23.12
S SO4 R . 20.56 -20.89 14.00
O1 SO4 R . 21.51 -19.84 13.68
O2 SO4 R . 20.82 -21.42 15.33
O3 SO4 R . 19.24 -20.29 14.00
O4 SO4 R . 20.65 -21.97 13.05
C1 LFA S . -6.80 4.03 9.73
C2 LFA S . -7.85 2.95 9.55
C3 LFA S . -7.88 2.47 8.11
C4 LFA S . -9.17 2.88 7.43
C5 LFA S . -9.47 1.88 6.34
C6 LFA S . -10.31 2.51 5.25
C7 LFA S . -10.15 1.72 3.96
C8 LFA S . -10.62 2.53 2.77
C9 LFA S . -10.93 1.54 1.68
C10 LFA S . -12.26 0.93 1.98
C11 LFA S . -12.19 -0.56 1.77
C12 LFA S . -13.65 -1.00 1.67
C13 LFA S . -14.15 -0.77 0.27
C14 LFA S . -15.68 -0.88 0.21
C15 LFA S . -16.13 -0.56 -1.20
C16 LFA S . -17.51 0.07 -1.15
C17 LFA S . -18.54 -0.94 -0.68
C18 LFA S . -19.94 -0.51 -1.05
C19 LFA S . -20.96 -1.55 -0.65
C20 LFA S . -22.26 -1.26 -1.36
H11 LFA S . -7.01 4.77 9.15
H12 LFA S . -6.80 4.33 10.66
H13 LFA S . -5.93 3.66 9.51
H21 LFA S . -7.66 2.21 10.15
H22 LFA S . -8.73 3.32 9.78
H31 LFA S . -7.11 2.83 7.63
H32 LFA S . -7.82 1.49 8.10
H41 LFA S . -9.89 2.90 8.08
H42 LFA S . -9.06 3.77 7.03
H51 LFA S . -8.64 1.55 5.95
H52 LFA S . -9.96 1.12 6.73
H61 LFA S . -10.01 3.43 5.09
H62 LFA S . -11.25 2.51 5.51
H71 LFA S . -10.69 0.90 4.01
H72 LFA S . -9.21 1.48 3.84
H81 LFA S . -9.91 3.15 2.48
H82 LFA S . -11.43 3.04 3.01
H91 LFA S . -10.96 1.99 0.82
H92 LFA S . -10.23 0.85 1.66
H101 LFA S . -12.93 1.31 1.39
H102 LFA S . -12.49 1.11 2.91
H111 LFA S . -11.76 -1.00 2.53
H112 LFA S . -11.72 -0.78 0.95
H121 LFA S . -14.19 -0.48 2.30
H122 LFA S . -13.72 -1.95 1.89
H131 LFA S . -13.76 -1.43 -0.33
H132 LFA S . -13.88 0.12 -0.03
H141 LFA S . -15.95 -1.78 0.46
H142 LFA S . -16.07 -0.24 0.84
H151 LFA S . -16.18 -1.40 -1.72
H152 LFA S . -15.50 0.05 -1.62
H161 LFA S . -17.75 0.40 -2.04
H162 LFA S . -17.50 0.83 -0.53
H171 LFA S . -18.48 -1.05 0.28
H172 LFA S . -18.36 -1.80 -1.11
H181 LFA S . -19.99 -0.36 -2.01
H182 LFA S . -20.14 0.33 -0.59
H191 LFA S . -20.64 -2.43 -0.90
H192 LFA S . -21.10 -1.52 0.32
H201 LFA S . -22.12 -1.29 -2.33
H202 LFA S . -22.58 -0.37 -1.11
H203 LFA S . -22.93 -1.93 -1.11
OH2 1PE T . -21.32 3.12 -18.46
C12 1PE T . -20.17 3.56 -19.04
C22 1PE T . -19.40 4.40 -17.98
OH3 1PE T . -20.37 5.21 -17.29
C13 1PE T . -20.88 6.68 -15.50
C23 1PE T . -19.96 5.62 -16.00
OH4 1PE T . -21.97 6.01 -14.83
C14 1PE T . -24.28 6.54 -14.28
C24 1PE T . -22.80 6.90 -14.07
OH5 1PE T . -24.47 5.17 -14.65
C15 1PE T . -26.09 3.38 -14.96
C25 1PE T . -25.81 4.80 -14.46
OH6 1PE T . -25.41 3.19 -16.20
C16 1PE T . -24.34 1.07 -16.07
C26 1PE T . -25.47 1.85 -16.67
OH7 1PE T . -23.15 1.26 -16.87
HO2 1PE T . -21.83 2.76 -19.08
H121 1PE T . -20.37 4.12 -19.83
H122 1PE T . -19.60 2.78 -19.31
H221 1PE T . -18.93 3.80 -17.33
H222 1PE T . -18.76 4.98 -18.44
H131 1PE T . -21.23 7.21 -16.27
H132 1PE T . -20.41 7.26 -14.89
H231 1PE T . -19.98 4.87 -15.40
H232 1PE T . -19.00 5.99 -16.05
H141 1PE T . -24.76 6.71 -13.46
H142 1PE T . -24.66 7.13 -15.02
H241 1PE T . -22.66 7.84 -14.37
H242 1PE T . -22.59 6.82 -13.12
H151 1PE T . -27.07 3.26 -15.10
H152 1PE T . -25.78 2.72 -14.29
H251 1PE T . -26.02 4.84 -13.51
H252 1PE T . -26.39 5.44 -14.95
H161 1PE T . -24.16 1.40 -15.12
H162 1PE T . -24.55 0.11 -16.04
H261 1PE T . -26.30 1.45 -16.42
H262 1PE T . -25.39 1.84 -17.63
HO7 1PE T . -23.33 1.07 -17.72
OH2 1PE U . 6.07 28.32 17.53
C12 1PE U . 6.82 28.09 16.42
C22 1PE U . 6.81 29.34 15.47
OH3 1PE U . 7.57 30.40 16.08
C13 1PE U . 8.82 32.40 16.00
C23 1PE U . 7.87 31.49 15.25
OH4 1PE U . 10.09 32.43 15.34
C14 1PE U . 12.44 32.99 15.28
C24 1PE U . 11.26 32.55 16.17
OH5 1PE U . 13.05 31.85 14.69
C15 1PE U . 14.21 30.97 12.72
C25 1PE U . 13.81 32.20 13.55
OH6 1PE U . 13.08 30.36 12.09
C16 1PE U . 12.17 28.85 10.48
C26 1PE U . 13.37 29.67 10.86
OH7 1PE U . 11.78 28.05 11.61
HO2 1PE U . 5.98 27.57 17.98
H121 1PE U . 6.47 27.31 15.93
H122 1PE U . 7.77 27.91 16.70
H221 1PE U . 7.23 29.10 14.58
H222 1PE U . 5.90 29.63 15.33
H131 1PE U . 8.93 32.05 16.93
H132 1PE U . 8.45 33.29 16.03
H231 1PE U . 8.29 31.19 14.45
H232 1PE U . 7.01 32.01 15.03
H141 1PE U . 12.11 33.58 14.59
H142 1PE U . 13.12 33.49 15.86
H241 1PE U . 11.47 31.68 16.60
H242 1PE U . 11.09 33.23 16.86
H151 1PE U . 14.65 30.29 13.31
H152 1PE U . 14.86 31.25 12.02
H251 1PE U . 13.27 32.79 13.00
H252 1PE U . 14.63 32.67 13.85
H161 1PE U . 12.41 28.25 9.70
H162 1PE U . 11.43 29.44 10.22
H261 1PE U . 13.56 30.30 10.18
H262 1PE U . 14.13 29.09 10.98
HO7 1PE U . 11.61 27.21 11.34
C4 LFA V . -26.55 9.58 0.14
C5 LFA V . -25.43 10.60 0.28
C6 LFA V . -24.54 10.43 1.49
C7 LFA V . -23.13 10.86 1.20
C8 LFA V . -22.22 11.06 2.40
C9 LFA V . -21.58 12.42 2.34
C10 LFA V . -20.32 12.54 3.19
H41 LFA V . -26.18 8.69 0.09
H42 LFA V . -27.14 9.66 0.93
H51 LFA V . -25.82 11.49 0.30
H52 LFA V . -24.86 10.54 -0.52
H61 LFA V . -24.90 10.95 2.23
H62 LFA V . -24.54 9.48 1.76
H71 LFA V . -22.72 10.20 0.61
H72 LFA V . -23.17 11.71 0.71
H81 LFA V . -22.74 10.98 3.22
H82 LFA V . -21.52 10.36 2.39
H91 LFA V . -22.22 13.08 2.64
H92 LFA V . -21.35 12.61 1.40
H101 LFA V . -20.54 12.36 4.12
H102 LFA V . -19.96 13.45 3.10
#